data_2OBO
#
_entry.id   2OBO
#
_cell.length_a   224.271
_cell.length_b   224.271
_cell.length_c   75.205
_cell.angle_alpha   90.00
_cell.angle_beta   90.00
_cell.angle_gamma   120.00
#
_symmetry.space_group_name_H-M   'H 3 2'
#
loop_
_entity.id
_entity.type
_entity.pdbx_description
1 polymer 'HCV NS3 protease'
2 polymer 'HCV NS4A peptide'
3 non-polymer 'ZINC ION'
4 non-polymer BETA-MERCAPTOETHANOL
5 non-polymer 'tert-butyl {(2S)-1-[(1R,2S,5S)-2-{[(2S,3R)-4-amino-1-cyclopropyl-3-hydroxy-4-oxobutan-2-yl]carbamoyl}-6,6-dimethyl-3-azabicyclo[3.1.0]hex-3-yl]-3,3-dimethyl-1-oxobutan-2-yl}carbamate'
6 water water
#
loop_
_entity_poly.entity_id
_entity_poly.type
_entity_poly.pdbx_seq_one_letter_code
_entity_poly.pdbx_strand_id
1 'polypeptide(L)'
;MASMTGGQQMGAPITAYAQQTRGLLGCIITSLTGRDKNQVEGEVQIVSTATQTFLATCINGVCWTVYHGAGTRTIASPKG
PVIQMYTNVDQDLVGWPAPQGSRSLTPCTCGSSDLYLVTRHADVIPVRRRGDSRGSLLSPRPISYLKGSSGGPLLCPAGH
AVGLFRAAVCTRGVAKAVDFIPVENLETTMRSGSHHHHHH
;
A,C
2 'polypeptide(L)' KKGSVVIVGRIVLSGKPAIIPKK B,D
#
loop_
_chem_comp.id
_chem_comp.type
_chem_comp.name
_chem_comp.formula
BME non-polymer BETA-MERCAPTOETHANOL 'C2 H6 O S'
HUD peptide-like 'tert-butyl {(2S)-1-[(1R,2S,5S)-2-{[(2S,3R)-4-amino-1-cyclopropyl-3-hydroxy-4-oxobutan-2-yl]carbamoyl}-6,6-dimethyl-3-azabicyclo[3.1.0]hex-3-yl]-3,3-dimethyl-1-oxobutan-2-yl}carbamate' 'C26 H44 N4 O6'
ZN non-polymer 'ZINC ION' 'Zn 2'
#
# COMPACT_ATOMS: atom_id res chain seq x y z
N MET A 10 4.58 4.03 -6.10
CA MET A 10 3.65 5.16 -5.83
C MET A 10 2.29 4.92 -6.45
N GLY A 11 2.28 4.51 -7.72
CA GLY A 11 1.04 4.25 -8.42
C GLY A 11 1.28 3.20 -9.49
N ALA A 12 0.25 2.37 -9.71
CA ALA A 12 0.28 1.30 -10.70
C ALA A 12 0.99 -0.03 -10.34
N PRO A 13 0.59 -0.68 -9.23
CA PRO A 13 -0.45 -0.33 -8.26
C PRO A 13 0.10 0.48 -7.09
N ILE A 14 -0.80 1.03 -6.28
CA ILE A 14 -0.39 1.82 -5.14
C ILE A 14 -0.05 0.95 -3.95
N THR A 15 1.25 0.82 -3.68
CA THR A 15 1.72 0.05 -2.54
C THR A 15 2.46 1.03 -1.62
N ALA A 16 2.52 0.75 -0.32
CA ALA A 16 3.24 1.65 0.60
C ALA A 16 3.72 0.95 1.87
N TYR A 17 4.83 1.45 2.42
CA TYR A 17 5.34 0.91 3.67
C TYR A 17 5.66 1.95 4.73
N ALA A 18 5.78 1.52 5.97
CA ALA A 18 6.04 2.43 7.07
C ALA A 18 7.34 2.09 7.78
N GLN A 19 7.92 3.11 8.40
CA GLN A 19 9.15 2.96 9.17
C GLN A 19 9.13 3.98 10.29
N GLN A 20 9.27 3.52 11.52
CA GLN A 20 9.32 4.45 12.64
C GLN A 20 10.78 4.92 12.75
N THR A 21 10.98 6.21 12.96
CA THR A 21 12.33 6.70 13.06
C THR A 21 12.71 7.29 14.40
N ARG A 22 11.75 7.48 15.29
CA ARG A 22 12.04 8.01 16.62
C ARG A 22 11.02 7.50 17.60
N GLY A 23 11.40 7.57 18.87
CA GLY A 23 10.52 7.13 19.93
C GLY A 23 10.07 8.30 20.77
N LEU A 24 9.24 8.00 21.77
CA LEU A 24 8.72 9.00 22.67
C LEU A 24 9.75 9.98 23.26
N LEU A 25 10.79 9.46 23.90
CA LEU A 25 11.78 10.32 24.53
C LEU A 25 12.56 11.14 23.50
N GLY A 26 12.91 10.51 22.37
CA GLY A 26 13.64 11.21 21.33
C GLY A 26 12.83 12.31 20.68
N CYS A 27 11.53 12.05 20.54
CA CYS A 27 10.60 12.99 19.92
C CYS A 27 10.58 14.27 20.74
N ILE A 28 10.32 14.10 22.04
CA ILE A 28 10.22 15.21 22.97
C ILE A 28 11.44 16.12 22.95
N ILE A 29 12.63 15.55 23.08
CA ILE A 29 13.84 16.37 23.04
C ILE A 29 13.86 17.16 21.73
N THR A 30 13.57 16.47 20.64
CA THR A 30 13.55 17.10 19.32
C THR A 30 12.49 18.17 19.17
N SER A 31 11.41 18.06 19.94
CA SER A 31 10.33 19.02 19.92
C SER A 31 10.89 20.30 20.51
N LEU A 32 11.45 20.19 21.72
CA LEU A 32 12.04 21.32 22.44
C LEU A 32 13.23 21.84 21.65
N THR A 33 14.25 20.99 21.51
CA THR A 33 15.45 21.31 20.78
C THR A 33 15.13 21.91 19.42
N GLY A 34 14.25 21.26 18.68
CA GLY A 34 13.86 21.77 17.38
C GLY A 34 14.86 21.39 16.30
N ARG A 35 15.95 20.75 16.69
CA ARG A 35 16.96 20.35 15.72
C ARG A 35 16.85 18.83 15.47
N ASP A 36 16.59 18.45 14.23
CA ASP A 36 16.45 17.05 13.85
C ASP A 36 17.48 16.69 12.79
N LYS A 37 18.38 15.79 13.14
CA LYS A 37 19.43 15.37 12.22
C LYS A 37 19.19 14.02 11.53
N ASN A 38 18.04 13.39 11.78
CA ASN A 38 17.70 12.09 11.16
C ASN A 38 17.52 12.28 9.67
N GLN A 39 17.78 11.22 8.91
CA GLN A 39 17.67 11.24 7.45
C GLN A 39 16.22 11.08 7.01
N VAL A 40 15.77 11.96 6.12
CA VAL A 40 14.41 11.92 5.60
C VAL A 40 14.27 11.20 4.23
N GLU A 41 13.20 10.41 4.10
CA GLU A 41 12.89 9.68 2.88
C GLU A 41 11.38 9.53 2.82
N GLY A 42 10.81 9.49 1.61
CA GLY A 42 9.38 9.33 1.45
C GLY A 42 8.57 10.57 1.13
N GLU A 43 7.33 10.35 0.70
CA GLU A 43 6.40 11.43 0.36
C GLU A 43 5.54 11.84 1.55
N VAL A 44 5.32 10.89 2.46
CA VAL A 44 4.52 11.16 3.65
C VAL A 44 5.30 10.96 4.95
N GLN A 45 5.41 11.99 5.78
CA GLN A 45 6.15 11.88 7.04
C GLN A 45 5.15 11.67 8.16
N ILE A 46 5.46 10.79 9.12
CA ILE A 46 4.56 10.55 10.26
C ILE A 46 4.96 11.59 11.29
N VAL A 47 4.21 12.67 11.28
CA VAL A 47 4.44 13.82 12.13
C VAL A 47 3.82 13.69 13.53
N SER A 48 4.40 14.39 14.50
CA SER A 48 3.91 14.32 15.87
C SER A 48 4.26 15.57 16.69
N THR A 49 3.35 15.95 17.56
CA THR A 49 3.54 17.08 18.43
C THR A 49 3.41 16.46 19.81
N ALA A 50 3.63 17.24 20.85
CA ALA A 50 3.49 16.70 22.21
C ALA A 50 2.02 16.46 22.50
N THR A 51 1.17 17.05 21.66
CA THR A 51 -0.26 16.95 21.79
C THR A 51 -0.87 15.76 21.05
N GLN A 52 -0.43 15.51 19.82
CA GLN A 52 -0.99 14.42 19.04
C GLN A 52 -0.12 14.10 17.83
N THR A 53 -0.41 12.96 17.22
CA THR A 53 0.31 12.51 16.04
C THR A 53 -0.61 12.43 14.82
N PHE A 54 -0.04 12.76 13.66
CA PHE A 54 -0.76 12.75 12.40
C PHE A 54 0.22 12.60 11.23
N LEU A 55 -0.17 13.04 10.05
CA LEU A 55 0.69 12.88 8.89
C LEU A 55 0.87 14.21 8.18
N ALA A 56 1.95 14.30 7.40
CA ALA A 56 2.27 15.48 6.62
C ALA A 56 2.60 14.89 5.26
N THR A 57 2.10 15.51 4.19
CA THR A 57 2.34 15.03 2.86
C THR A 57 3.11 16.03 1.99
N CYS A 58 4.15 15.56 1.32
CA CYS A 58 4.94 16.44 0.46
C CYS A 58 4.37 16.43 -0.93
N ILE A 59 4.02 17.60 -1.44
CA ILE A 59 3.46 17.74 -2.77
C ILE A 59 4.14 18.96 -3.35
N ASN A 60 4.60 18.82 -4.59
CA ASN A 60 5.28 19.89 -5.30
C ASN A 60 6.23 20.74 -4.46
N GLY A 61 7.12 20.10 -3.73
CA GLY A 61 8.11 20.82 -2.94
C GLY A 61 7.71 21.33 -1.57
N VAL A 62 6.45 21.16 -1.19
CA VAL A 62 6.01 21.64 0.11
C VAL A 62 5.47 20.49 0.92
N CYS A 63 5.69 20.54 2.22
CA CYS A 63 5.23 19.52 3.17
C CYS A 63 4.00 20.03 3.91
N TRP A 64 2.82 19.59 3.47
CA TRP A 64 1.56 20.00 4.08
C TRP A 64 1.03 19.11 5.19
N THR A 65 0.03 19.60 5.90
CA THR A 65 -0.65 18.89 6.97
C THR A 65 -1.79 19.78 7.46
N VAL A 66 -2.63 19.23 8.33
CA VAL A 66 -3.77 19.98 8.82
C VAL A 66 -3.45 20.96 9.95
N TYR A 67 -3.95 22.18 9.82
CA TYR A 67 -3.76 23.21 10.83
C TYR A 67 -4.22 22.70 12.19
N HIS A 68 -5.32 21.93 12.21
CA HIS A 68 -5.84 21.39 13.47
C HIS A 68 -4.96 20.31 14.09
N GLY A 69 -3.68 20.34 13.76
CA GLY A 69 -2.75 19.37 14.29
C GLY A 69 -1.42 20.06 14.43
N ALA A 70 -1.03 20.77 13.38
CA ALA A 70 0.24 21.49 13.38
C ALA A 70 0.17 22.88 13.97
N GLY A 71 -1.03 23.45 14.04
CA GLY A 71 -1.17 24.79 14.60
C GLY A 71 -0.21 25.68 13.82
N THR A 72 0.39 26.66 14.47
CA THR A 72 1.36 27.50 13.77
C THR A 72 2.79 27.13 14.15
N ARG A 73 2.97 25.91 14.62
CA ARG A 73 4.27 25.44 15.04
C ARG A 73 5.27 25.39 13.92
N THR A 74 6.52 25.22 14.31
CA THR A 74 7.63 25.10 13.40
C THR A 74 7.85 23.60 13.25
N ILE A 75 8.70 23.20 12.31
CA ILE A 75 8.98 21.78 12.17
C ILE A 75 10.47 21.60 12.46
N ALA A 76 10.78 20.63 13.32
CA ALA A 76 12.16 20.37 13.68
C ALA A 76 12.88 19.93 12.43
N SER A 77 14.07 20.47 12.19
CA SER A 77 14.84 20.13 11.01
C SER A 77 16.29 20.19 11.41
N PRO A 78 17.20 19.77 10.53
CA PRO A 78 18.63 19.79 10.84
C PRO A 78 19.10 21.19 11.17
N LYS A 79 18.68 22.17 10.38
CA LYS A 79 19.07 23.54 10.59
C LYS A 79 18.17 24.26 11.59
N GLY A 80 17.72 23.51 12.59
CA GLY A 80 16.84 24.07 13.62
C GLY A 80 15.38 24.02 13.24
N PRO A 81 14.55 24.93 13.80
CA PRO A 81 13.12 24.97 13.48
C PRO A 81 12.86 25.71 12.18
N VAL A 82 11.89 25.22 11.41
CA VAL A 82 11.53 25.89 10.17
C VAL A 82 10.12 26.43 10.32
N ILE A 83 9.99 27.72 10.04
CA ILE A 83 8.71 28.41 10.14
C ILE A 83 7.89 27.97 8.96
N GLN A 84 6.57 28.04 9.12
CA GLN A 84 5.67 27.64 8.06
C GLN A 84 5.73 28.54 6.82
N MET A 85 5.68 27.95 5.63
CA MET A 85 5.67 28.73 4.40
C MET A 85 4.25 29.26 4.20
N TYR A 86 3.27 28.41 4.45
CA TYR A 86 1.88 28.80 4.29
C TYR A 86 1.09 28.44 5.52
N THR A 87 0.11 29.25 5.85
CA THR A 87 -0.75 29.03 7.00
C THR A 87 -2.14 29.55 6.69
N ASN A 88 -3.10 28.64 6.64
CA ASN A 88 -4.48 29.03 6.37
C ASN A 88 -5.47 28.38 7.32
N VAL A 89 -5.80 29.08 8.40
CA VAL A 89 -6.73 28.56 9.41
C VAL A 89 -8.02 28.07 8.77
N ASP A 90 -8.49 28.84 7.80
CA ASP A 90 -9.72 28.53 7.09
C ASP A 90 -9.61 27.26 6.28
N GLN A 91 -8.57 27.14 5.46
CA GLN A 91 -8.38 25.95 4.64
C GLN A 91 -7.96 24.77 5.52
N ASP A 92 -7.52 25.09 6.73
CA ASP A 92 -7.09 24.10 7.70
C ASP A 92 -5.80 23.42 7.22
N LEU A 93 -4.97 24.19 6.52
CA LEU A 93 -3.70 23.73 5.95
C LEU A 93 -2.52 24.57 6.43
N VAL A 94 -1.36 23.93 6.53
CA VAL A 94 -0.12 24.60 6.88
C VAL A 94 0.91 23.89 6.01
N GLY A 95 2.03 24.55 5.74
CA GLY A 95 3.04 23.93 4.91
C GLY A 95 4.41 24.50 5.18
N TRP A 96 5.41 23.63 5.16
CA TRP A 96 6.81 23.99 5.40
C TRP A 96 7.55 23.52 4.16
N PRO A 97 8.74 24.07 3.88
CA PRO A 97 9.38 23.53 2.68
C PRO A 97 9.65 22.07 2.97
N ALA A 98 9.45 21.20 1.99
CA ALA A 98 9.68 19.77 2.20
C ALA A 98 11.04 19.50 2.78
N PRO A 99 11.10 18.63 3.81
CA PRO A 99 12.38 18.29 4.46
C PRO A 99 13.33 17.79 3.40
N GLN A 100 14.60 18.14 3.52
CA GLN A 100 15.60 17.70 2.56
C GLN A 100 15.61 16.20 2.67
N GLY A 101 15.46 15.53 1.54
CA GLY A 101 15.47 14.07 1.55
C GLY A 101 14.14 13.45 1.18
N SER A 102 13.05 14.20 1.31
CA SER A 102 11.73 13.69 0.99
C SER A 102 11.45 13.70 -0.51
N ARG A 103 10.32 13.10 -0.89
CA ARG A 103 9.87 13.01 -2.29
C ARG A 103 8.48 13.62 -2.27
N SER A 104 8.14 14.36 -3.31
CA SER A 104 6.85 15.01 -3.38
C SER A 104 5.88 14.33 -4.35
N LEU A 105 4.59 14.42 -4.05
CA LEU A 105 3.59 13.87 -4.93
C LEU A 105 3.24 15.09 -5.78
N THR A 106 2.51 14.88 -6.87
CA THR A 106 2.10 15.98 -7.71
C THR A 106 0.60 15.86 -7.83
N PRO A 107 -0.10 16.99 -7.95
CA PRO A 107 -1.56 17.04 -8.07
C PRO A 107 -2.08 16.16 -9.20
N CYS A 108 -3.27 15.62 -9.00
CA CYS A 108 -3.91 14.75 -9.96
C CYS A 108 -4.42 15.61 -11.10
N THR A 109 -4.34 15.09 -12.32
CA THR A 109 -4.81 15.80 -13.50
C THR A 109 -5.52 14.78 -14.39
N CYS A 110 -6.67 14.31 -13.95
CA CYS A 110 -7.44 13.34 -14.71
C CYS A 110 -8.84 13.24 -14.14
N GLY A 111 -9.10 14.01 -13.08
CA GLY A 111 -10.40 14.03 -12.44
C GLY A 111 -10.99 12.68 -12.02
N SER A 112 -10.16 11.66 -11.85
CA SER A 112 -10.68 10.35 -11.43
C SER A 112 -11.47 10.51 -10.14
N SER A 113 -12.55 9.77 -10.03
CA SER A 113 -13.39 9.83 -8.85
C SER A 113 -13.08 8.67 -7.90
N ASP A 114 -12.15 7.82 -8.32
CA ASP A 114 -11.74 6.67 -7.51
C ASP A 114 -10.44 7.04 -6.81
N LEU A 115 -10.56 7.44 -5.54
CA LEU A 115 -9.40 7.88 -4.77
C LEU A 115 -8.94 6.80 -3.81
N TYR A 116 -7.65 6.84 -3.46
CA TYR A 116 -7.06 5.87 -2.55
C TYR A 116 -6.44 6.60 -1.37
N LEU A 117 -6.97 6.38 -0.17
CA LEU A 117 -6.47 7.01 1.04
C LEU A 117 -5.36 6.20 1.67
N VAL A 118 -4.16 6.79 1.74
CA VAL A 118 -3.02 6.11 2.38
C VAL A 118 -3.04 6.47 3.87
N THR A 119 -3.14 5.45 4.71
CA THR A 119 -3.22 5.65 6.15
C THR A 119 -1.86 5.60 6.85
N ARG A 120 -1.83 6.09 8.08
CA ARG A 120 -0.63 6.13 8.92
C ARG A 120 0.07 4.77 9.02
N HIS A 121 -0.66 3.71 8.72
CA HIS A 121 -0.11 2.37 8.78
C HIS A 121 0.26 1.85 7.40
N ALA A 122 0.38 2.78 6.46
CA ALA A 122 0.73 2.48 5.09
C ALA A 122 -0.29 1.62 4.36
N ASP A 123 -1.54 1.68 4.79
CA ASP A 123 -2.55 0.90 4.13
C ASP A 123 -3.31 1.81 3.20
N VAL A 124 -3.22 1.55 1.90
CA VAL A 124 -3.94 2.34 0.94
C VAL A 124 -5.34 1.73 0.83
N ILE A 125 -6.37 2.54 1.02
CA ILE A 125 -7.73 2.06 0.95
C ILE A 125 -8.56 2.87 -0.04
N PRO A 126 -9.49 2.21 -0.75
CA PRO A 126 -10.37 2.84 -1.75
C PRO A 126 -11.54 3.67 -1.24
N VAL A 127 -11.67 4.87 -1.76
CA VAL A 127 -12.76 5.78 -1.41
C VAL A 127 -13.30 6.29 -2.75
N ARG A 128 -14.61 6.38 -2.86
CA ARG A 128 -15.24 6.87 -4.09
C ARG A 128 -15.65 8.30 -3.82
N ARG A 129 -15.22 9.21 -4.68
CA ARG A 129 -15.55 10.61 -4.51
C ARG A 129 -17.05 10.82 -4.70
N ARG A 130 -17.65 11.56 -3.78
CA ARG A 130 -19.07 11.86 -3.81
C ARG A 130 -19.26 13.36 -3.85
N GLY A 131 -18.24 14.09 -3.39
CA GLY A 131 -18.32 15.53 -3.39
C GLY A 131 -16.96 16.11 -3.65
N ASP A 132 -16.91 17.42 -3.85
CA ASP A 132 -15.65 18.11 -4.12
C ASP A 132 -14.63 17.87 -3.00
N SER A 133 -15.12 17.51 -1.81
CA SER A 133 -14.24 17.28 -0.68
C SER A 133 -14.67 16.09 0.16
N ARG A 134 -15.35 15.14 -0.47
CA ARG A 134 -15.79 13.96 0.26
C ARG A 134 -15.79 12.72 -0.61
N GLY A 135 -15.51 11.60 0.03
CA GLY A 135 -15.46 10.32 -0.63
C GLY A 135 -15.96 9.33 0.39
N SER A 136 -16.55 8.23 -0.03
CA SER A 136 -17.05 7.24 0.90
C SER A 136 -16.21 5.98 0.88
N LEU A 137 -15.95 5.40 2.04
CA LEU A 137 -15.16 4.19 2.10
C LEU A 137 -15.96 3.07 1.46
N LEU A 138 -15.31 2.31 0.59
CA LEU A 138 -15.96 1.20 -0.08
C LEU A 138 -16.05 0.06 0.93
N SER A 139 -15.16 0.12 1.93
CA SER A 139 -15.11 -0.84 3.02
C SER A 139 -14.96 0.01 4.28
N PRO A 140 -16.08 0.37 4.92
CA PRO A 140 -16.00 1.18 6.14
C PRO A 140 -15.10 0.49 7.15
N ARG A 141 -14.47 1.30 8.00
CA ARG A 141 -13.56 0.79 9.00
C ARG A 141 -13.77 1.57 10.27
N PRO A 142 -13.33 1.03 11.43
CA PRO A 142 -13.49 1.75 12.69
C PRO A 142 -12.63 3.00 12.60
N ILE A 143 -13.06 4.09 13.23
CA ILE A 143 -12.26 5.31 13.16
C ILE A 143 -10.89 5.19 13.82
N SER A 144 -10.73 4.23 14.72
CA SER A 144 -9.43 4.04 15.39
C SER A 144 -8.33 3.79 14.34
N TYR A 145 -8.73 3.18 13.23
CA TYR A 145 -7.85 2.86 12.12
C TYR A 145 -7.39 4.18 11.53
N LEU A 146 -8.36 4.97 11.10
CA LEU A 146 -8.12 6.26 10.50
C LEU A 146 -7.40 7.23 11.45
N LYS A 147 -7.50 6.99 12.74
CA LYS A 147 -6.85 7.86 13.70
C LYS A 147 -5.37 7.99 13.38
N GLY A 148 -4.90 9.24 13.40
CA GLY A 148 -3.50 9.52 13.13
C GLY A 148 -3.16 9.67 11.67
N SER A 149 -4.16 9.50 10.80
CA SER A 149 -3.93 9.61 9.37
C SER A 149 -4.29 10.99 8.81
N SER A 150 -4.60 11.92 9.70
CA SER A 150 -4.95 13.28 9.31
C SER A 150 -3.75 13.86 8.60
N GLY A 151 -3.97 14.46 7.44
CA GLY A 151 -2.87 15.02 6.67
C GLY A 151 -2.34 14.05 5.63
N GLY A 152 -2.72 12.78 5.73
CA GLY A 152 -2.29 11.75 4.79
C GLY A 152 -2.83 12.08 3.43
N PRO A 153 -2.34 11.42 2.38
CA PRO A 153 -2.83 11.73 1.04
C PRO A 153 -3.95 10.87 0.49
N LEU A 154 -4.63 11.40 -0.53
CA LEU A 154 -5.70 10.71 -1.25
C LEU A 154 -5.20 10.72 -2.68
N LEU A 155 -4.85 9.55 -3.18
CA LEU A 155 -4.30 9.37 -4.51
C LEU A 155 -5.28 8.88 -5.57
N CYS A 156 -5.14 9.39 -6.79
CA CYS A 156 -5.99 8.92 -7.88
C CYS A 156 -5.27 7.64 -8.34
N PRO A 157 -5.84 6.85 -9.27
CA PRO A 157 -5.16 5.63 -9.68
C PRO A 157 -3.73 5.74 -10.24
N ALA A 158 -3.25 6.95 -10.46
CA ALA A 158 -1.92 7.17 -11.00
C ALA A 158 -0.88 7.47 -9.91
N GLY A 159 -1.37 7.70 -8.69
CA GLY A 159 -0.49 8.02 -7.57
C GLY A 159 -0.28 9.50 -7.34
N HIS A 160 -1.25 10.31 -7.76
CA HIS A 160 -1.15 11.74 -7.59
C HIS A 160 -2.09 12.24 -6.53
N ALA A 161 -1.67 13.32 -5.87
CA ALA A 161 -2.46 13.92 -4.81
C ALA A 161 -3.78 14.48 -5.31
N VAL A 162 -4.85 14.08 -4.65
CA VAL A 162 -6.19 14.54 -4.98
C VAL A 162 -6.64 15.43 -3.83
N GLY A 163 -6.12 15.12 -2.66
CA GLY A 163 -6.44 15.86 -1.45
C GLY A 163 -5.77 15.25 -0.23
N LEU A 164 -5.98 15.87 0.92
CA LEU A 164 -5.43 15.43 2.19
C LEU A 164 -6.56 15.04 3.14
N PHE A 165 -6.39 13.92 3.83
CA PHE A 165 -7.40 13.42 4.78
C PHE A 165 -7.59 14.43 5.91
N ARG A 166 -8.84 14.78 6.17
CA ARG A 166 -9.12 15.78 7.19
C ARG A 166 -9.99 15.29 8.34
N ALA A 167 -11.10 14.65 8.04
CA ALA A 167 -11.99 14.17 9.08
C ALA A 167 -12.75 12.93 8.66
N ALA A 168 -13.16 12.16 9.67
CA ALA A 168 -13.88 10.95 9.42
C ALA A 168 -15.37 11.19 9.58
N VAL A 169 -16.12 10.75 8.58
CA VAL A 169 -17.57 10.86 8.59
C VAL A 169 -18.04 9.55 9.24
N CYS A 170 -18.11 9.55 10.57
CA CYS A 170 -18.51 8.34 11.27
C CYS A 170 -19.83 8.41 12.03
N THR A 171 -20.20 7.27 12.57
CA THR A 171 -21.42 7.06 13.34
C THR A 171 -21.18 5.74 14.06
N ARG A 172 -21.67 5.62 15.30
CA ARG A 172 -21.49 4.39 16.09
C ARG A 172 -20.03 3.93 16.19
N GLY A 173 -19.08 4.78 15.79
CA GLY A 173 -17.68 4.40 15.86
C GLY A 173 -17.12 3.86 14.56
N VAL A 174 -17.97 3.70 13.55
CA VAL A 174 -17.52 3.20 12.27
C VAL A 174 -17.48 4.38 11.30
N ALA A 175 -16.49 4.36 10.41
CA ALA A 175 -16.31 5.44 9.44
C ALA A 175 -16.83 5.04 8.08
N LYS A 176 -17.81 5.79 7.59
CA LYS A 176 -18.40 5.51 6.30
C LYS A 176 -17.82 6.36 5.18
N ALA A 177 -17.35 7.55 5.52
CA ALA A 177 -16.77 8.46 4.53
C ALA A 177 -15.72 9.30 5.19
N VAL A 178 -15.06 10.14 4.40
CA VAL A 178 -14.02 10.99 4.93
C VAL A 178 -14.01 12.33 4.22
N ASP A 179 -13.87 13.40 4.99
CA ASP A 179 -13.81 14.75 4.46
C ASP A 179 -12.35 15.04 4.17
N PHE A 180 -12.09 15.69 3.05
CA PHE A 180 -10.73 16.01 2.73
C PHE A 180 -10.55 17.43 2.20
N ILE A 181 -9.30 17.84 2.10
CA ILE A 181 -8.95 19.17 1.61
C ILE A 181 -8.42 18.95 0.19
N PRO A 182 -9.20 19.30 -0.82
CA PRO A 182 -8.78 19.13 -2.22
C PRO A 182 -7.45 19.84 -2.51
N VAL A 183 -6.60 19.24 -3.37
CA VAL A 183 -5.33 19.88 -3.70
C VAL A 183 -5.52 21.29 -4.26
N GLU A 184 -6.76 21.59 -4.66
CA GLU A 184 -7.10 22.91 -5.18
C GLU A 184 -6.87 23.92 -4.06
N ASN A 185 -7.28 23.55 -2.86
CA ASN A 185 -7.11 24.40 -1.68
C ASN A 185 -5.65 24.75 -1.41
N LEU A 186 -4.73 23.89 -1.86
CA LEU A 186 -3.30 24.13 -1.66
C LEU A 186 -2.88 25.33 -2.49
N GLU A 187 -3.21 25.28 -3.77
CA GLU A 187 -2.89 26.39 -4.67
C GLU A 187 -3.52 27.68 -4.17
N THR A 188 -4.77 27.61 -3.74
CA THR A 188 -5.48 28.79 -3.24
C THR A 188 -4.71 29.30 -2.02
N THR A 189 -4.38 28.40 -1.10
CA THR A 189 -3.67 28.76 0.11
C THR A 189 -2.30 29.40 -0.15
N MET A 190 -1.59 28.92 -1.16
CA MET A 190 -0.26 29.48 -1.50
C MET A 190 -0.43 30.86 -2.12
N ARG A 191 -1.46 31.01 -2.95
CA ARG A 191 -1.74 32.29 -3.58
C ARG A 191 -2.30 33.22 -2.50
N SER A 192 -2.75 32.63 -1.40
CA SER A 192 -3.33 33.39 -0.28
C SER A 192 -2.33 33.87 0.78
N GLY A 193 -1.60 32.92 1.39
CA GLY A 193 -0.64 33.26 2.42
C GLY A 193 -0.08 32.05 3.17
N LYS B 1 7.65 29.96 22.53
CA LYS B 1 6.84 29.26 21.49
C LYS B 1 6.49 27.86 22.00
N LYS B 2 5.62 27.17 21.26
CA LYS B 2 5.23 25.81 21.63
C LYS B 2 6.20 24.84 20.98
N GLY B 3 6.01 23.55 21.26
CA GLY B 3 6.89 22.55 20.71
C GLY B 3 6.92 22.47 19.20
N SER B 4 8.08 22.10 18.65
CA SER B 4 8.24 21.94 17.23
C SER B 4 7.68 20.58 16.83
N VAL B 5 7.08 20.53 15.66
CA VAL B 5 6.51 19.29 15.16
C VAL B 5 7.70 18.41 14.79
N VAL B 6 7.69 17.18 15.27
CA VAL B 6 8.79 16.24 15.02
C VAL B 6 8.39 15.06 14.13
N ILE B 7 9.21 14.80 13.12
CA ILE B 7 8.97 13.68 12.20
C ILE B 7 9.35 12.43 12.96
N VAL B 8 8.38 11.59 13.24
CA VAL B 8 8.65 10.35 13.97
C VAL B 8 8.66 9.09 13.09
N GLY B 9 8.50 9.28 11.79
CA GLY B 9 8.48 8.16 10.86
C GLY B 9 8.22 8.62 9.43
N ARG B 10 8.10 7.66 8.53
CA ARG B 10 7.86 7.92 7.11
C ARG B 10 6.99 6.84 6.52
N ILE B 11 6.40 7.13 5.37
CA ILE B 11 5.57 6.17 4.66
C ILE B 11 6.05 6.38 3.24
N VAL B 12 6.67 5.35 2.69
CA VAL B 12 7.22 5.43 1.34
C VAL B 12 6.37 4.79 0.25
N LEU B 13 5.92 5.63 -0.66
CA LEU B 13 5.11 5.19 -1.78
C LEU B 13 5.91 4.80 -3.00
N SER B 14 7.11 5.38 -3.15
CA SER B 14 7.97 5.09 -4.29
C SER B 14 8.29 3.60 -4.45
N GLY B 15 8.13 2.85 -3.36
CA GLY B 15 8.43 1.43 -3.36
C GLY B 15 7.75 0.58 -4.40
N LYS B 16 8.47 -0.46 -4.85
CA LYS B 16 7.99 -1.39 -5.86
C LYS B 16 8.39 -2.82 -5.45
N PRO B 17 7.58 -3.83 -5.82
CA PRO B 17 7.89 -5.21 -5.46
C PRO B 17 9.35 -5.53 -5.59
N ALA B 18 9.84 -6.26 -4.59
CA ALA B 18 11.23 -6.66 -4.55
C ALA B 18 11.30 -8.00 -3.83
N ILE B 19 12.30 -8.78 -4.19
CA ILE B 19 12.52 -10.09 -3.62
C ILE B 19 13.33 -9.83 -2.37
N ILE B 20 12.70 -9.98 -1.20
CA ILE B 20 13.39 -9.73 0.06
C ILE B 20 14.68 -10.55 0.07
N PRO B 21 15.83 -9.86 0.15
CA PRO B 21 17.19 -10.42 0.17
C PRO B 21 17.41 -11.43 1.26
N LYS B 22 18.12 -12.50 0.92
CA LYS B 22 18.45 -13.56 1.87
C LYS B 22 19.69 -13.10 2.64
N LYS B 23 19.49 -12.79 3.90
CA LYS B 23 20.55 -12.33 4.77
C LYS B 23 20.15 -12.53 6.23
N VAL C 40 11.22 -7.47 7.67
CA VAL C 40 10.25 -7.28 6.56
C VAL C 40 9.49 -8.58 6.41
N GLU C 41 8.24 -8.48 5.99
CA GLU C 41 7.42 -9.66 5.80
C GLU C 41 7.02 -9.71 4.34
N GLY C 42 7.24 -10.85 3.71
CA GLY C 42 6.86 -11.00 2.32
C GLY C 42 5.43 -11.48 2.19
N GLU C 43 4.65 -10.83 1.33
CA GLU C 43 3.26 -11.26 1.10
C GLU C 43 3.22 -12.43 0.12
N VAL C 44 4.18 -12.44 -0.81
CA VAL C 44 4.28 -13.50 -1.81
C VAL C 44 5.49 -14.39 -1.56
N GLN C 45 5.27 -15.69 -1.51
CA GLN C 45 6.36 -16.62 -1.33
C GLN C 45 6.70 -17.23 -2.67
N ILE C 46 7.97 -17.50 -2.90
CA ILE C 46 8.45 -18.15 -4.11
C ILE C 46 8.66 -19.58 -3.64
N VAL C 47 7.87 -20.51 -4.15
CA VAL C 47 8.00 -21.90 -3.71
C VAL C 47 8.54 -22.85 -4.77
N SER C 48 9.09 -23.97 -4.30
CA SER C 48 9.66 -25.00 -5.15
C SER C 48 9.13 -26.38 -4.78
N THR C 49 9.08 -27.24 -5.79
CA THR C 49 8.64 -28.62 -5.67
C THR C 49 9.78 -29.36 -6.36
N ALA C 50 9.94 -30.65 -6.06
CA ALA C 50 11.01 -31.45 -6.66
C ALA C 50 11.13 -31.19 -8.16
N THR C 51 9.98 -31.03 -8.81
CA THR C 51 9.95 -30.79 -10.25
C THR C 51 9.82 -29.31 -10.64
N GLN C 52 8.81 -28.63 -10.13
CA GLN C 52 8.59 -27.23 -10.49
C GLN C 52 8.63 -26.18 -9.40
N THR C 53 8.77 -24.93 -9.81
CA THR C 53 8.79 -23.77 -8.92
C THR C 53 7.62 -22.90 -9.35
N PHE C 54 6.96 -22.31 -8.37
CA PHE C 54 5.84 -21.44 -8.63
C PHE C 54 5.80 -20.45 -7.48
N LEU C 55 4.67 -19.77 -7.31
CA LEU C 55 4.54 -18.78 -6.25
C LEU C 55 3.40 -19.15 -5.31
N ALA C 56 3.32 -18.46 -4.19
CA ALA C 56 2.24 -18.68 -3.22
C ALA C 56 1.91 -17.29 -2.74
N THR C 57 0.64 -17.02 -2.47
CA THR C 57 0.24 -15.69 -2.02
C THR C 57 -0.53 -15.81 -0.73
N CYS C 58 -0.10 -15.04 0.28
CA CYS C 58 -0.76 -15.08 1.58
C CYS C 58 -1.95 -14.15 1.59
N ILE C 59 -3.14 -14.69 1.80
CA ILE C 59 -4.35 -13.87 1.87
C ILE C 59 -5.20 -14.35 3.04
N ASN C 60 -5.62 -13.40 3.87
CA ASN C 60 -6.43 -13.70 5.05
C ASN C 60 -5.86 -14.82 5.94
N GLY C 61 -4.56 -14.76 6.19
CA GLY C 61 -3.90 -15.71 7.06
C GLY C 61 -3.59 -17.06 6.45
N VAL C 62 -4.05 -17.24 5.21
CA VAL C 62 -3.82 -18.48 4.51
C VAL C 62 -2.80 -18.21 3.40
N CYS C 63 -2.03 -19.23 3.04
CA CYS C 63 -1.01 -19.16 1.99
C CYS C 63 -1.58 -20.02 0.86
N TRP C 64 -2.09 -19.36 -0.17
CA TRP C 64 -2.69 -20.06 -1.31
C TRP C 64 -1.74 -20.21 -2.48
N THR C 65 -2.03 -21.18 -3.33
CA THR C 65 -1.26 -21.44 -4.52
C THR C 65 -2.10 -22.27 -5.49
N VAL C 66 -1.46 -22.74 -6.55
CA VAL C 66 -2.17 -23.53 -7.54
C VAL C 66 -1.95 -25.02 -7.32
N TYR C 67 -3.07 -25.74 -7.22
CA TYR C 67 -3.06 -27.19 -7.02
C TYR C 67 -2.24 -27.92 -8.10
N HIS C 68 -2.20 -27.35 -9.30
CA HIS C 68 -1.43 -27.95 -10.38
C HIS C 68 0.08 -27.75 -10.19
N GLY C 69 0.45 -27.17 -9.06
CA GLY C 69 1.84 -26.93 -8.73
C GLY C 69 2.13 -27.67 -7.43
N ALA C 70 1.31 -27.41 -6.42
CA ALA C 70 1.45 -28.01 -5.09
C ALA C 70 0.88 -29.42 -4.95
N GLY C 71 -0.27 -29.66 -5.57
CA GLY C 71 -0.91 -30.97 -5.46
C GLY C 71 -1.46 -31.05 -4.05
N THR C 72 -1.37 -32.21 -3.42
CA THR C 72 -1.85 -32.34 -2.05
C THR C 72 -0.67 -32.30 -1.10
N ARG C 73 0.43 -31.71 -1.56
CA ARG C 73 1.65 -31.64 -0.77
C ARG C 73 1.53 -30.88 0.53
N THR C 74 2.57 -30.99 1.35
CA THR C 74 2.65 -30.31 2.63
C THR C 74 3.72 -29.25 2.50
N ILE C 75 3.61 -28.16 3.24
CA ILE C 75 4.63 -27.12 3.15
C ILE C 75 5.65 -27.34 4.26
N ALA C 76 6.92 -27.10 3.94
CA ALA C 76 8.00 -27.29 4.91
C ALA C 76 7.99 -26.22 6.01
N SER C 77 8.46 -26.60 7.19
CA SER C 77 8.50 -25.71 8.35
C SER C 77 9.62 -26.17 9.30
N PRO C 78 10.26 -25.23 10.04
CA PRO C 78 11.32 -25.65 10.96
C PRO C 78 10.84 -26.60 12.05
N LYS C 79 9.54 -26.86 12.09
CA LYS C 79 8.94 -27.77 13.07
C LYS C 79 8.41 -29.02 12.37
N GLY C 80 8.65 -29.10 11.07
CA GLY C 80 8.19 -30.22 10.28
C GLY C 80 7.10 -29.81 9.30
N PRO C 81 6.74 -30.70 8.36
CA PRO C 81 5.71 -30.43 7.35
C PRO C 81 4.32 -30.08 7.89
N VAL C 82 3.74 -29.05 7.30
CA VAL C 82 2.40 -28.56 7.67
C VAL C 82 1.52 -29.00 6.51
N ILE C 83 0.26 -29.32 6.81
CA ILE C 83 -0.66 -29.76 5.76
C ILE C 83 -1.59 -28.66 5.29
N GLN C 84 -2.09 -28.79 4.07
CA GLN C 84 -3.01 -27.81 3.50
C GLN C 84 -4.30 -27.73 4.32
N MET C 85 -4.70 -26.51 4.66
CA MET C 85 -5.94 -26.29 5.38
C MET C 85 -7.06 -26.42 4.37
N TYR C 86 -6.76 -26.02 3.14
CA TYR C 86 -7.73 -26.06 2.05
C TYR C 86 -7.18 -26.72 0.80
N THR C 87 -8.00 -27.56 0.16
CA THR C 87 -7.66 -28.22 -1.10
C THR C 87 -8.95 -28.17 -1.91
N ASN C 88 -8.89 -27.50 -3.05
CA ASN C 88 -10.05 -27.34 -3.92
C ASN C 88 -9.57 -27.70 -5.30
N VAL C 89 -9.56 -29.00 -5.56
CA VAL C 89 -9.10 -29.52 -6.84
C VAL C 89 -9.94 -29.04 -8.01
N ASP C 90 -11.13 -28.50 -7.74
CA ASP C 90 -12.00 -28.02 -8.81
C ASP C 90 -11.60 -26.61 -9.21
N GLN C 91 -11.23 -25.79 -8.23
CA GLN C 91 -10.85 -24.42 -8.52
C GLN C 91 -9.34 -24.21 -8.71
N ASP C 92 -8.58 -25.31 -8.57
CA ASP C 92 -7.10 -25.29 -8.72
C ASP C 92 -6.47 -24.55 -7.54
N LEU C 93 -7.15 -24.61 -6.39
CA LEU C 93 -6.75 -23.88 -5.19
C LEU C 93 -6.36 -24.70 -3.95
N VAL C 94 -5.22 -24.36 -3.33
CA VAL C 94 -4.81 -25.02 -2.10
C VAL C 94 -4.27 -23.96 -1.16
N GLY C 95 -4.38 -24.22 0.14
CA GLY C 95 -3.91 -23.27 1.12
C GLY C 95 -3.46 -23.93 2.41
N TRP C 96 -2.30 -23.51 2.88
CA TRP C 96 -1.74 -24.00 4.13
C TRP C 96 -1.82 -22.77 5.03
N PRO C 97 -1.59 -22.92 6.33
CA PRO C 97 -1.67 -21.70 7.17
C PRO C 97 -0.44 -20.87 6.81
N ALA C 98 -0.57 -19.55 6.84
CA ALA C 98 0.54 -18.67 6.46
C ALA C 98 1.87 -18.99 7.17
N PRO C 99 2.97 -19.11 6.39
CA PRO C 99 4.29 -19.41 6.96
C PRO C 99 4.94 -18.22 7.64
N GLN C 100 6.13 -18.42 8.18
CA GLN C 100 6.87 -17.35 8.85
C GLN C 100 7.51 -16.36 7.89
N GLY C 101 7.48 -15.10 8.26
CA GLY C 101 8.08 -14.07 7.42
C GLY C 101 7.12 -13.58 6.35
N SER C 102 5.85 -13.96 6.47
CA SER C 102 4.86 -13.57 5.50
C SER C 102 3.89 -12.51 6.01
N ARG C 103 3.22 -11.82 5.08
CA ARG C 103 2.26 -10.76 5.35
C ARG C 103 1.05 -11.09 4.49
N SER C 104 -0.16 -10.95 5.02
CA SER C 104 -1.33 -11.27 4.21
C SER C 104 -1.86 -10.06 3.47
N LEU C 105 -2.16 -10.26 2.19
CA LEU C 105 -2.71 -9.21 1.36
C LEU C 105 -4.16 -9.04 1.68
N THR C 106 -4.69 -7.87 1.35
CA THR C 106 -6.09 -7.56 1.58
C THR C 106 -6.87 -7.76 0.29
N PRO C 107 -8.02 -8.39 0.38
CA PRO C 107 -8.85 -8.62 -0.80
C PRO C 107 -9.34 -7.28 -1.41
N CYS C 108 -9.65 -7.25 -2.69
CA CYS C 108 -10.13 -6.02 -3.30
C CYS C 108 -11.60 -5.85 -2.97
N THR C 109 -11.98 -4.59 -2.80
CA THR C 109 -13.33 -4.22 -2.46
C THR C 109 -13.76 -3.03 -3.30
N CYS C 110 -12.93 -2.71 -4.30
CA CYS C 110 -13.22 -1.58 -5.19
C CYS C 110 -13.67 -2.11 -6.53
N GLY C 111 -13.34 -3.38 -6.80
CA GLY C 111 -13.71 -4.00 -8.05
C GLY C 111 -13.21 -3.28 -9.29
N SER C 112 -11.94 -2.93 -9.34
CA SER C 112 -11.41 -2.26 -10.52
C SER C 112 -11.09 -3.31 -11.57
N SER C 113 -10.99 -2.85 -12.81
CA SER C 113 -10.66 -3.72 -13.93
C SER C 113 -9.21 -3.58 -14.31
N ASP C 114 -8.55 -2.54 -13.79
CA ASP C 114 -7.16 -2.34 -14.08
C ASP C 114 -6.30 -3.12 -13.08
N LEU C 115 -6.02 -4.37 -13.42
CA LEU C 115 -5.25 -5.26 -12.58
C LEU C 115 -3.76 -5.19 -12.87
N TYR C 116 -2.97 -5.74 -11.96
CA TYR C 116 -1.51 -5.78 -12.08
C TYR C 116 -1.01 -7.11 -11.51
N LEU C 117 -0.25 -7.83 -12.31
CA LEU C 117 0.29 -9.13 -11.96
C LEU C 117 1.74 -8.98 -11.53
N VAL C 118 2.14 -9.68 -10.48
CA VAL C 118 3.53 -9.64 -9.98
C VAL C 118 4.09 -11.04 -10.25
N THR C 119 5.20 -11.12 -10.98
CA THR C 119 5.79 -12.42 -11.31
C THR C 119 6.78 -12.87 -10.26
N ARG C 120 7.32 -14.08 -10.44
CA ARG C 120 8.31 -14.63 -9.51
C ARG C 120 9.60 -13.82 -9.52
N HIS C 121 9.74 -12.95 -10.53
CA HIS C 121 10.92 -12.10 -10.65
C HIS C 121 10.66 -10.70 -10.14
N ALA C 122 9.47 -10.51 -9.57
CA ALA C 122 9.03 -9.25 -9.01
C ALA C 122 8.62 -8.22 -10.02
N ASP C 123 8.34 -8.66 -11.25
CA ASP C 123 7.90 -7.76 -12.31
C ASP C 123 6.41 -7.54 -12.13
N VAL C 124 5.92 -6.37 -12.51
CA VAL C 124 4.50 -6.07 -12.43
C VAL C 124 4.02 -6.03 -13.87
N ILE C 125 2.86 -6.63 -14.15
CA ILE C 125 2.31 -6.69 -15.49
C ILE C 125 0.85 -6.23 -15.48
N PRO C 126 0.57 -5.07 -16.10
CA PRO C 126 -0.79 -4.52 -16.16
C PRO C 126 -1.71 -5.50 -16.90
N VAL C 127 -2.96 -5.56 -16.49
CA VAL C 127 -3.92 -6.48 -17.09
C VAL C 127 -5.31 -5.88 -17.04
N ARG C 128 -6.00 -5.91 -18.17
CA ARG C 128 -7.37 -5.40 -18.25
C ARG C 128 -8.29 -6.57 -17.96
N ARG C 129 -9.06 -6.46 -16.88
CA ARG C 129 -9.98 -7.52 -16.51
C ARG C 129 -11.09 -7.57 -17.54
N ARG C 130 -11.11 -8.65 -18.30
CA ARG C 130 -12.12 -8.83 -19.32
C ARG C 130 -13.31 -9.52 -18.66
N GLY C 131 -13.02 -10.61 -17.96
CA GLY C 131 -14.06 -11.37 -17.29
C GLY C 131 -13.72 -11.61 -15.84
N ASP C 132 -14.65 -12.21 -15.11
CA ASP C 132 -14.45 -12.46 -13.69
C ASP C 132 -13.29 -13.42 -13.41
N SER C 133 -12.64 -13.88 -14.46
CA SER C 133 -11.54 -14.81 -14.29
C SER C 133 -10.53 -14.75 -15.44
N ARG C 134 -10.53 -13.64 -16.16
CA ARG C 134 -9.58 -13.49 -17.26
C ARG C 134 -9.24 -12.04 -17.52
N GLY C 135 -8.00 -11.80 -17.97
CA GLY C 135 -7.56 -10.46 -18.27
C GLY C 135 -6.55 -10.43 -19.40
N SER C 136 -6.55 -9.36 -20.17
CA SER C 136 -5.62 -9.23 -21.28
C SER C 136 -4.43 -8.37 -20.89
N LEU C 137 -3.23 -8.93 -21.03
CA LEU C 137 -2.03 -8.18 -20.69
C LEU C 137 -2.07 -6.93 -21.58
N LEU C 138 -1.84 -5.77 -20.99
CA LEU C 138 -1.86 -4.52 -21.76
C LEU C 138 -0.73 -4.52 -22.78
N SER C 139 0.27 -5.38 -22.56
CA SER C 139 1.41 -5.54 -23.46
C SER C 139 1.82 -7.00 -23.32
N PRO C 140 1.51 -7.82 -24.33
CA PRO C 140 1.82 -9.26 -24.36
C PRO C 140 3.30 -9.52 -24.20
N ARG C 141 3.63 -10.64 -23.55
CA ARG C 141 5.03 -11.01 -23.32
C ARG C 141 5.22 -12.49 -23.62
N PRO C 142 6.45 -12.89 -23.94
CA PRO C 142 6.71 -14.30 -24.24
C PRO C 142 6.42 -15.07 -22.96
N ILE C 143 5.86 -16.28 -23.09
CA ILE C 143 5.51 -17.08 -21.92
C ILE C 143 6.66 -17.20 -20.93
N SER C 144 7.89 -17.11 -21.43
CA SER C 144 9.09 -17.19 -20.60
C SER C 144 9.02 -16.18 -19.45
N TYR C 145 8.51 -14.99 -19.76
CA TYR C 145 8.39 -13.90 -18.81
C TYR C 145 7.36 -14.14 -17.71
N LEU C 146 6.30 -14.87 -18.03
CA LEU C 146 5.25 -15.19 -17.06
C LEU C 146 5.47 -16.56 -16.40
N LYS C 147 6.40 -17.33 -16.96
CA LYS C 147 6.71 -18.67 -16.45
C LYS C 147 7.14 -18.70 -14.97
N GLY C 148 6.57 -19.67 -14.25
CA GLY C 148 6.86 -19.87 -12.85
C GLY C 148 6.14 -18.94 -11.89
N SER C 149 5.28 -18.09 -12.41
CA SER C 149 4.58 -17.13 -11.58
C SER C 149 3.19 -17.55 -11.09
N SER C 150 2.75 -18.77 -11.42
CA SER C 150 1.42 -19.23 -10.96
C SER C 150 1.38 -19.19 -9.43
N GLY C 151 0.24 -18.77 -8.88
CA GLY C 151 0.13 -18.65 -7.44
C GLY C 151 0.26 -17.18 -7.08
N GLY C 152 0.93 -16.43 -7.95
CA GLY C 152 1.11 -15.00 -7.75
C GLY C 152 -0.18 -14.23 -7.64
N PRO C 153 -0.12 -12.99 -7.12
CA PRO C 153 -1.33 -12.17 -6.96
C PRO C 153 -1.70 -11.27 -8.14
N LEU C 154 -2.99 -11.03 -8.30
CA LEU C 154 -3.52 -10.13 -9.31
C LEU C 154 -3.98 -8.98 -8.43
N LEU C 155 -3.35 -7.82 -8.57
CA LEU C 155 -3.66 -6.65 -7.74
C LEU C 155 -4.41 -5.52 -8.43
N CYS C 156 -5.33 -4.90 -7.68
CA CYS C 156 -6.08 -3.76 -8.16
C CYS C 156 -5.21 -2.52 -7.94
N PRO C 157 -5.61 -1.33 -8.44
CA PRO C 157 -4.82 -0.10 -8.27
C PRO C 157 -4.43 0.23 -6.82
N ALA C 158 -5.07 -0.44 -5.87
CA ALA C 158 -4.78 -0.23 -4.46
C ALA C 158 -3.83 -1.31 -3.93
N GLY C 159 -3.36 -2.18 -4.81
CA GLY C 159 -2.49 -3.26 -4.39
C GLY C 159 -3.18 -4.29 -3.50
N HIS C 160 -4.48 -4.47 -3.70
CA HIS C 160 -5.28 -5.46 -2.96
C HIS C 160 -5.58 -6.64 -3.87
N ALA C 161 -5.50 -7.84 -3.31
CA ALA C 161 -5.73 -9.08 -4.05
C ALA C 161 -7.09 -9.22 -4.70
N VAL C 162 -7.09 -9.23 -6.02
CA VAL C 162 -8.29 -9.38 -6.84
C VAL C 162 -8.46 -10.87 -7.13
N GLY C 163 -7.34 -11.54 -7.39
CA GLY C 163 -7.38 -12.95 -7.70
C GLY C 163 -5.99 -13.54 -7.65
N LEU C 164 -5.92 -14.83 -7.93
CA LEU C 164 -4.67 -15.57 -7.93
C LEU C 164 -4.35 -15.98 -9.36
N PHE C 165 -3.14 -15.73 -9.79
CA PHE C 165 -2.71 -16.09 -11.15
C PHE C 165 -2.78 -17.61 -11.25
N ARG C 166 -3.59 -18.10 -12.17
CA ARG C 166 -3.75 -19.54 -12.33
C ARG C 166 -2.94 -20.09 -13.49
N ALA C 167 -3.05 -19.47 -14.66
CA ALA C 167 -2.34 -19.93 -15.86
C ALA C 167 -2.33 -18.88 -16.98
N ALA C 168 -1.36 -19.00 -17.88
CA ALA C 168 -1.24 -18.08 -19.01
C ALA C 168 -2.06 -18.60 -20.19
N VAL C 169 -2.49 -17.66 -21.04
CA VAL C 169 -3.28 -17.95 -22.24
C VAL C 169 -2.43 -17.38 -23.38
N CYS C 170 -1.70 -18.27 -24.05
CA CYS C 170 -0.82 -17.86 -25.13
C CYS C 170 -1.08 -18.38 -26.53
N THR C 171 -0.82 -17.51 -27.50
CA THR C 171 -0.97 -17.83 -28.91
C THR C 171 0.43 -17.78 -29.47
N ARG C 172 0.92 -18.93 -29.92
CA ARG C 172 2.26 -19.03 -30.49
C ARG C 172 3.35 -18.70 -29.48
N GLY C 173 3.14 -19.10 -28.23
CA GLY C 173 4.13 -18.87 -27.19
C GLY C 173 4.26 -17.43 -26.71
N VAL C 174 3.21 -16.65 -26.92
CA VAL C 174 3.20 -15.27 -26.49
C VAL C 174 2.00 -15.07 -25.59
N ALA C 175 2.27 -14.93 -24.29
CA ALA C 175 1.19 -14.73 -23.33
C ALA C 175 0.64 -13.34 -23.54
N LYS C 176 -0.67 -13.27 -23.77
CA LYS C 176 -1.35 -12.02 -23.97
C LYS C 176 -2.63 -12.02 -23.17
N ALA C 177 -2.72 -12.95 -22.23
CA ALA C 177 -3.88 -13.07 -21.38
C ALA C 177 -3.58 -14.15 -20.32
N VAL C 178 -4.30 -14.10 -19.20
CA VAL C 178 -4.10 -15.05 -18.12
C VAL C 178 -5.40 -15.40 -17.42
N ASP C 179 -5.46 -16.62 -16.90
CA ASP C 179 -6.60 -17.11 -16.15
C ASP C 179 -6.26 -16.90 -14.68
N PHE C 180 -7.26 -16.66 -13.83
CA PHE C 180 -6.98 -16.45 -12.41
C PHE C 180 -8.14 -16.90 -11.49
N ILE C 181 -7.78 -17.28 -10.25
CA ILE C 181 -8.75 -17.70 -9.25
C ILE C 181 -9.15 -16.45 -8.47
N PRO C 182 -10.36 -15.92 -8.70
CA PRO C 182 -10.74 -14.71 -7.97
C PRO C 182 -10.78 -14.93 -6.46
N VAL C 183 -10.41 -13.89 -5.70
CA VAL C 183 -10.40 -13.97 -4.24
C VAL C 183 -11.72 -14.44 -3.67
N GLU C 184 -12.82 -14.11 -4.34
CA GLU C 184 -14.12 -14.55 -3.87
C GLU C 184 -14.04 -16.05 -3.62
N ASN C 185 -13.42 -16.77 -4.55
CA ASN C 185 -13.27 -18.21 -4.42
C ASN C 185 -12.50 -18.52 -3.18
N LEU C 186 -11.37 -17.82 -2.98
CA LEU C 186 -10.52 -18.04 -1.82
C LEU C 186 -11.29 -17.81 -0.53
N GLU C 187 -12.01 -16.70 -0.47
CA GLU C 187 -12.80 -16.34 0.69
C GLU C 187 -13.92 -17.34 0.83
N THR C 188 -14.37 -17.89 -0.30
CA THR C 188 -15.44 -18.88 -0.31
C THR C 188 -14.96 -20.14 0.37
N THR C 189 -13.79 -20.62 -0.06
CA THR C 189 -13.22 -21.84 0.47
C THR C 189 -12.86 -21.77 1.95
N MET C 190 -12.95 -20.58 2.55
CA MET C 190 -12.63 -20.38 3.96
C MET C 190 -13.91 -20.37 4.81
N LYS D 2 10.63 -35.45 3.87
CA LYS D 2 9.57 -36.02 3.00
C LYS D 2 9.23 -35.02 1.87
N GLY D 3 8.47 -35.48 0.87
CA GLY D 3 8.08 -34.64 -0.27
C GLY D 3 7.14 -33.48 0.05
N SER D 4 7.73 -32.34 0.39
CA SER D 4 6.99 -31.12 0.75
C SER D 4 7.19 -30.01 -0.29
N VAL D 5 6.62 -28.85 0.01
CA VAL D 5 6.75 -27.68 -0.83
C VAL D 5 7.68 -26.81 0.01
N VAL D 6 8.74 -26.30 -0.60
CA VAL D 6 9.69 -25.48 0.12
C VAL D 6 9.67 -24.02 -0.30
N ILE D 7 9.63 -23.12 0.66
CA ILE D 7 9.64 -21.69 0.36
C ILE D 7 11.09 -21.37 0.08
N VAL D 8 11.37 -20.95 -1.15
CA VAL D 8 12.74 -20.63 -1.53
C VAL D 8 13.08 -19.16 -1.64
N GLY D 9 12.09 -18.32 -1.44
CA GLY D 9 12.33 -16.88 -1.52
C GLY D 9 11.07 -16.14 -1.15
N ARG D 10 11.17 -14.84 -0.99
CA ARG D 10 10.01 -14.05 -0.62
C ARG D 10 10.00 -12.72 -1.35
N ILE D 11 8.80 -12.20 -1.59
CA ILE D 11 8.60 -10.94 -2.29
C ILE D 11 7.77 -9.99 -1.42
N VAL D 12 8.25 -8.76 -1.24
CA VAL D 12 7.52 -7.74 -0.47
C VAL D 12 6.99 -6.75 -1.50
N LEU D 13 5.70 -6.81 -1.75
CA LEU D 13 5.06 -5.96 -2.76
C LEU D 13 5.29 -4.44 -2.63
N SER D 14 5.53 -3.96 -1.41
CA SER D 14 5.78 -2.55 -1.17
C SER D 14 7.20 -2.09 -1.43
N GLY D 15 8.12 -3.02 -1.61
CA GLY D 15 9.51 -2.64 -1.84
C GLY D 15 10.28 -2.35 -0.56
N LYS D 16 9.62 -2.53 0.56
CA LYS D 16 10.23 -2.28 1.87
C LYS D 16 11.58 -2.97 2.05
N PRO D 17 12.63 -2.17 2.32
CA PRO D 17 13.99 -2.68 2.51
C PRO D 17 14.15 -3.12 3.96
N ALA D 18 15.35 -3.57 4.31
CA ALA D 18 15.62 -4.00 5.66
C ALA D 18 15.78 -2.81 6.61
ZN ZN E . -4.89 11.69 -11.65
C1 BME F . 5.83 12.52 22.26
C2 BME F . 5.60 13.58 21.18
O1 BME F . 4.61 11.90 22.64
S2 BME F . 7.15 14.46 20.80
O2 HUD G . -15.58 16.21 12.56
C1 HUD G . -15.82 15.11 12.05
O3 HUD G . -16.59 14.85 10.97
C4 HUD G . -17.29 15.89 10.18
C6 HUD G . -18.46 16.52 10.97
C5 HUD G . -17.92 15.17 8.97
C7 HUD G . -16.31 17.01 9.68
N8 HUD G . -15.34 13.96 12.53
C9 HUD G . -14.30 13.95 13.54
C10 HUD G . -14.28 12.73 14.44
C11 HUD G . -13.16 12.98 15.43
C12 HUD G . -15.56 12.63 15.19
C13 HUD G . -14.00 11.40 13.69
C14 HUD G . -12.93 14.23 12.94
O15 HUD G . -12.36 13.38 12.24
N16 HUD G . -12.40 15.44 13.15
C17 HUD G . -12.98 16.55 13.92
C18 HUD G . -11.09 15.79 12.62
C19 HUD G . -10.72 17.09 13.27
C20 HUD G . -11.87 17.52 14.06
C21 HUD G . -11.51 18.29 12.83
C22 HUD G . -10.82 19.62 12.94
C23 HUD G . -12.53 18.31 11.70
C24 HUD G . -10.09 14.79 13.19
O25 HUD G . -10.10 14.54 14.39
N26 HUD G . -9.28 14.21 12.32
C27 HUD G . -8.26 13.24 12.72
C28 HUD G . -8.47 11.89 12.04
C29 HUD G . -9.87 11.40 12.32
C30 HUD G . -10.11 10.49 13.48
C31 HUD G . -10.21 9.97 12.06
O32 HUD G . -6.75 15.20 12.79
C33 HUD G . -6.85 13.79 12.40
O34 HUD G . -5.59 11.81 12.79
N35 HUD G . -5.28 13.53 14.22
C36 HUD G . -5.85 12.96 13.17
ZN ZN H . -9.30 -2.53 -4.77
#